data_9CF7
#
_entry.id   9CF7
#
_cell.length_a   166.767
_cell.length_b   166.767
_cell.length_c   100.693
_cell.angle_alpha   90.000
_cell.angle_beta   90.000
_cell.angle_gamma   120.000
#
_symmetry.space_group_name_H-M   'P 64 2 2'
#
loop_
_entity.id
_entity.type
_entity.pdbx_description
1 polymer 'Germline-targeting HIV-1 gp120 engineered outer domain eODgt8'
2 polymer 'Fab eOD-PL01.1 heavy chain'
3 polymer 'Fab eOD-PL01.1 kappa light chain'
4 non-polymer 2-acetamido-2-deoxy-beta-D-glucopyranose
#
loop_
_entity_poly.entity_id
_entity_poly.type
_entity_poly.pdbx_seq_one_letter_code
_entity_poly.pdbx_strand_id
1 'polypeptide(L)'
;ETGDTITLPCRPAPPPHCSSNITGLILTRQGGYSNANTVIFRPSGGDWRDIARCQIAGTVVSTQLFLNGSLAEEEVVIRS
EDWRDNAKSICVQLATSVEIACTGAGHCAISRAKWANTLKQIASKLREQYGAKTIIFKPSSGGDPEFVNHSFNCGGEFFY
CASTQLFASTWFASTGTHHHHHH
;
C
2 'polypeptide(L)'
;QVQLQESGPGLVEPSGTLSLTCAVSGGSISSTNWWTWVRQTPGTGLEWIGEIHHSGITNYNPSLKSRVTISVDKSKNQFS
LKLSSVIAADTAAYYCARGDDILTGYNYWGQGTLVTVSSASTKGPSVFPLAPSSKSTSGGTAALGCLVKDYFPEPVTVSW
NSGALTSGVHTFPAVLQSSGLYSLSSVVTVPSSSLGTQTYICNVNHKPSNTKVDKKVEPKSC
;
H
3 'polypeptide(L)'
;DIQMTQSPSSLSASVGDRVSITCRASQNIINYLNWYQQKPGKAPKLLINAASSLQSGVPSRVSGSGSGTDFTLTISSLQS
EDFATYYCQQSHSTPPTFGQGTKVEIKRTVAAPSVFIFPPSDEQLKSGTASVVCLLNNFYPREAKVQWKVDNALQSGNSQ
ESVTEQDSKDSTYSLSSTLTLSKADYEKHKVYACEVTHQGLSSPVTKSFNRGEC
;
L
#
# COMPACT_ATOMS: atom_id res chain seq x y z
N ASP A 4 -12.19 -29.51 43.00
CA ASP A 4 -13.04 -28.37 42.56
C ASP A 4 -12.60 -27.93 41.16
N THR A 5 -13.55 -27.37 40.39
CA THR A 5 -13.33 -26.98 39.01
C THR A 5 -13.96 -25.62 38.73
N ILE A 6 -13.50 -24.97 37.65
CA ILE A 6 -14.02 -23.70 37.18
C ILE A 6 -14.57 -23.88 35.77
N THR A 7 -15.83 -23.47 35.57
CA THR A 7 -16.54 -23.68 34.32
C THR A 7 -16.70 -22.35 33.60
N LEU A 8 -16.04 -22.21 32.45
CA LEU A 8 -16.15 -21.00 31.65
C LEU A 8 -17.28 -21.14 30.63
N PRO A 9 -18.21 -20.15 30.57
CA PRO A 9 -19.27 -20.18 29.57
C PRO A 9 -18.78 -19.68 28.21
N CYS A 10 -18.96 -20.52 27.18
CA CYS A 10 -18.43 -20.27 25.85
C CYS A 10 -19.55 -20.40 24.81
N ARG A 11 -19.63 -19.40 23.91
CA ARG A 11 -20.64 -19.35 22.86
C ARG A 11 -20.00 -18.88 21.56
N PRO A 12 -20.05 -19.68 20.47
CA PRO A 12 -20.68 -20.99 20.48
C PRO A 12 -19.90 -22.03 21.28
N ALA A 13 -20.52 -23.20 21.49
CA ALA A 13 -19.93 -24.28 22.25
C ALA A 13 -18.74 -24.87 21.49
N PRO A 14 -17.52 -24.87 22.06
CA PRO A 14 -16.38 -25.55 21.44
C PRO A 14 -16.50 -27.06 21.56
N PRO A 15 -16.24 -27.83 20.47
CA PRO A 15 -16.28 -29.29 20.53
C PRO A 15 -15.15 -29.86 21.40
N PRO A 16 -15.25 -31.15 21.84
CA PRO A 16 -14.24 -31.74 22.72
C PRO A 16 -12.80 -31.58 22.25
N HIS A 17 -12.61 -31.54 20.92
CA HIS A 17 -11.29 -31.54 20.31
C HIS A 17 -10.71 -30.14 20.23
N CYS A 18 -11.33 -29.18 20.93
CA CYS A 18 -10.73 -27.88 21.17
C CYS A 18 -10.18 -27.81 22.60
N SER A 19 -10.22 -28.95 23.30
CA SER A 19 -9.61 -29.06 24.61
C SER A 19 -8.09 -28.85 24.50
N SER A 20 -7.62 -27.71 25.00
CA SER A 20 -6.28 -27.22 24.75
C SER A 20 -5.47 -27.12 26.04
N ASN A 21 -4.21 -26.68 25.91
CA ASN A 21 -3.34 -26.36 27.03
C ASN A 21 -3.14 -24.85 27.10
N ILE A 22 -3.34 -24.24 28.28
CA ILE A 22 -2.98 -22.86 28.50
C ILE A 22 -1.49 -22.79 28.83
N THR A 23 -0.76 -22.03 28.01
CA THR A 23 0.68 -21.87 28.21
C THR A 23 0.98 -20.38 28.35
N GLY A 24 0.47 -19.79 29.44
CA GLY A 24 0.71 -18.38 29.73
C GLY A 24 -0.45 -17.49 29.27
N LEU A 25 -0.37 -16.21 29.61
CA LEU A 25 -1.44 -15.24 29.35
C LEU A 25 -0.84 -13.85 29.24
N ILE A 26 -1.68 -12.84 29.01
CA ILE A 26 -1.20 -11.48 28.83
C ILE A 26 -2.00 -10.52 29.71
N LEU A 27 -1.29 -9.79 30.57
CA LEU A 27 -1.92 -8.91 31.55
C LEU A 27 -1.72 -7.45 31.16
N THR A 28 -2.46 -6.57 31.84
CA THR A 28 -2.23 -5.13 31.82
C THR A 28 -2.35 -4.59 33.24
N ARG A 29 -1.31 -3.90 33.70
CA ARG A 29 -1.35 -3.17 34.95
C ARG A 29 -2.25 -1.95 34.74
N GLN A 30 -3.25 -1.80 35.63
CA GLN A 30 -4.12 -0.64 35.57
C GLN A 30 -3.41 0.55 36.20
N GLY A 31 -3.26 1.62 35.42
CA GLY A 31 -2.53 2.81 35.80
C GLY A 31 -3.25 3.60 36.90
N GLY A 32 -2.80 4.83 37.12
CA GLY A 32 -3.34 5.69 38.17
C GLY A 32 -2.94 5.18 39.55
N TYR A 33 -3.82 5.43 40.54
CA TYR A 33 -3.58 5.05 41.93
C TYR A 33 -4.91 4.63 42.57
N ALA A 36 -1.80 2.93 47.79
CA ALA A 36 -2.30 2.06 48.89
C ALA A 36 -1.46 0.79 48.98
N ASN A 37 -0.45 0.68 48.09
CA ASN A 37 0.46 -0.46 48.01
C ASN A 37 -0.28 -1.69 47.46
N THR A 38 -1.28 -1.45 46.60
CA THR A 38 -2.07 -2.49 45.96
C THR A 38 -1.98 -2.33 44.45
N VAL A 39 -1.36 -3.31 43.78
CA VAL A 39 -1.19 -3.25 42.33
C VAL A 39 -2.25 -4.14 41.68
N ILE A 40 -2.89 -3.60 40.62
CA ILE A 40 -4.08 -4.19 40.03
C ILE A 40 -3.81 -4.57 38.57
N PHE A 41 -3.98 -5.85 38.26
CA PHE A 41 -3.76 -6.39 36.93
C PHE A 41 -5.06 -6.97 36.37
N ARG A 42 -5.35 -6.62 35.13
CA ARG A 42 -6.53 -7.09 34.41
C ARG A 42 -6.08 -7.65 33.07
N PRO A 43 -6.66 -8.78 32.58
CA PRO A 43 -6.14 -9.45 31.39
C PRO A 43 -6.21 -8.56 30.16
N SER A 44 -5.06 -8.37 29.52
CA SER A 44 -4.88 -7.47 28.39
C SER A 44 -5.77 -7.88 27.21
N GLY A 45 -6.33 -6.87 26.54
CA GLY A 45 -7.17 -7.10 25.37
C GLY A 45 -7.15 -5.90 24.43
N GLY A 46 -5.95 -5.49 24.02
CA GLY A 46 -5.75 -4.39 23.09
C GLY A 46 -6.03 -4.81 21.65
N ASP A 47 -4.97 -5.18 20.92
CA ASP A 47 -5.06 -5.68 19.56
C ASP A 47 -4.19 -6.93 19.42
N TRP A 48 -4.37 -7.65 18.31
CA TRP A 48 -3.76 -8.95 18.11
C TRP A 48 -2.24 -8.85 18.08
N ARG A 49 -1.74 -7.61 18.06
CA ARG A 49 -0.32 -7.34 17.88
C ARG A 49 0.40 -7.40 19.24
N ASP A 50 -0.33 -7.12 20.31
CA ASP A 50 0.18 -7.31 21.66
C ASP A 50 0.43 -8.80 21.88
N ILE A 51 -0.59 -9.60 21.58
CA ILE A 51 -0.59 -11.05 21.74
C ILE A 51 0.51 -11.64 20.87
N ALA A 52 0.72 -11.04 19.70
CA ALA A 52 1.76 -11.44 18.78
C ALA A 52 3.13 -11.20 19.41
N ARG A 53 3.37 -9.94 19.82
CA ARG A 53 4.67 -9.46 20.26
C ARG A 53 5.22 -10.30 21.41
N CYS A 54 4.32 -10.99 22.13
CA CYS A 54 4.71 -11.84 23.25
C CYS A 54 5.52 -13.04 22.78
N GLN A 55 5.16 -13.57 21.60
CA GLN A 55 5.93 -14.59 20.90
C GLN A 55 5.96 -15.91 21.68
N ILE A 56 5.26 -15.96 22.82
CA ILE A 56 4.98 -17.22 23.48
C ILE A 56 3.68 -17.76 22.87
N ALA A 57 3.55 -17.54 21.56
CA ALA A 57 2.30 -17.73 20.84
C ALA A 57 2.36 -19.02 20.02
N GLY A 58 1.33 -19.86 20.18
CA GLY A 58 1.18 -21.05 19.35
C GLY A 58 0.51 -20.70 18.03
N THR A 59 0.27 -21.74 17.22
CA THR A 59 -0.42 -21.60 15.94
C THR A 59 -1.86 -21.17 16.20
N VAL A 60 -2.40 -21.59 17.35
CA VAL A 60 -3.75 -21.26 17.76
C VAL A 60 -3.80 -19.77 18.09
N VAL A 61 -4.66 -19.04 17.37
CA VAL A 61 -4.69 -17.59 17.47
C VAL A 61 -5.80 -17.16 18.43
N SER A 62 -5.41 -16.98 19.71
CA SER A 62 -6.33 -16.72 20.81
C SER A 62 -6.05 -15.34 21.43
N THR A 63 -6.90 -14.95 22.39
CA THR A 63 -6.68 -13.74 23.17
C THR A 63 -6.84 -14.05 24.66
N GLN A 64 -6.28 -13.15 25.49
CA GLN A 64 -6.24 -13.27 26.94
C GLN A 64 -5.31 -14.40 27.37
N LEU A 65 -5.63 -15.63 26.95
CA LEU A 65 -4.82 -16.79 27.31
C LEU A 65 -4.15 -17.35 26.06
N PHE A 66 -2.90 -17.82 26.23
CA PHE A 66 -2.16 -18.49 25.17
C PHE A 66 -2.52 -19.99 25.19
N LEU A 67 -3.13 -20.45 24.10
CA LEU A 67 -3.54 -21.85 23.95
C LEU A 67 -2.58 -22.54 23.00
N ASN A 68 -2.00 -23.66 23.45
CA ASN A 68 -1.07 -24.46 22.66
C ASN A 68 0.12 -23.59 22.23
N GLY A 69 0.52 -22.65 23.10
CA GLY A 69 1.72 -21.86 22.89
C GLY A 69 2.93 -22.60 23.46
N SER A 70 3.99 -21.83 23.76
CA SER A 70 5.23 -22.39 24.26
C SER A 70 5.29 -22.29 25.77
N LEU A 71 6.09 -23.18 26.39
CA LEU A 71 6.30 -23.18 27.83
C LEU A 71 7.74 -22.78 28.15
N ALA A 72 7.90 -22.08 29.27
CA ALA A 72 9.22 -21.76 29.82
C ALA A 72 9.84 -23.02 30.41
N GLU A 73 11.06 -22.87 30.92
CA GLU A 73 11.83 -23.99 31.43
C GLU A 73 11.36 -24.34 32.85
N GLU A 74 11.96 -23.66 33.83
CA GLU A 74 11.97 -24.13 35.20
C GLU A 74 10.81 -23.55 35.99
N GLU A 75 10.30 -22.38 35.55
CA GLU A 75 9.33 -21.63 36.31
C GLU A 75 8.80 -20.46 35.48
N VAL A 76 7.75 -19.82 36.00
CA VAL A 76 7.07 -18.70 35.35
C VAL A 76 8.07 -17.59 35.04
N VAL A 77 7.88 -16.96 33.88
CA VAL A 77 8.68 -15.81 33.46
C VAL A 77 7.74 -14.76 32.89
N ILE A 78 7.70 -13.61 33.57
CA ILE A 78 6.93 -12.48 33.10
C ILE A 78 7.88 -11.58 32.32
N ARG A 79 7.34 -10.82 31.36
CA ARG A 79 8.15 -10.02 30.45
C ARG A 79 7.35 -8.82 29.96
N SER A 80 8.06 -7.69 29.78
CA SER A 80 7.47 -6.48 29.25
C SER A 80 8.53 -5.62 28.56
N GLU A 81 8.08 -4.84 27.56
CA GLU A 81 8.93 -3.97 26.79
C GLU A 81 9.29 -2.73 27.62
N ASP A 82 8.48 -2.45 28.65
CA ASP A 82 8.71 -1.36 29.59
C ASP A 82 7.81 -1.54 30.81
N TRP A 83 8.43 -1.82 31.97
CA TRP A 83 7.68 -2.12 33.18
C TRP A 83 6.92 -0.89 33.68
N ARG A 84 7.32 0.30 33.23
CA ARG A 84 6.73 1.55 33.69
C ARG A 84 5.50 1.92 32.85
N ASP A 85 5.52 1.52 31.57
CA ASP A 85 4.42 1.84 30.67
C ASP A 85 3.32 0.81 30.85
N ASN A 86 2.24 1.22 31.54
CA ASN A 86 1.09 0.37 31.80
C ASN A 86 0.36 0.07 30.49
N ALA A 87 0.63 0.87 29.46
CA ALA A 87 0.14 0.60 28.11
C ALA A 87 0.78 -0.70 27.59
N LYS A 88 2.08 -0.86 27.84
CA LYS A 88 2.82 -2.04 27.43
C LYS A 88 2.39 -3.22 28.29
N SER A 89 1.96 -4.29 27.63
CA SER A 89 1.38 -5.46 28.27
C SER A 89 2.45 -6.24 29.03
N ILE A 90 2.00 -7.22 29.82
CA ILE A 90 2.90 -8.11 30.54
C ILE A 90 2.69 -9.54 30.03
N CYS A 91 3.63 -10.00 29.21
CA CYS A 91 3.57 -11.37 28.71
C CYS A 91 3.99 -12.32 29.82
N VAL A 92 2.99 -13.03 30.38
CA VAL A 92 3.23 -14.07 31.35
C VAL A 92 3.38 -15.39 30.61
N GLN A 93 4.46 -16.12 30.90
CA GLN A 93 4.69 -17.41 30.28
C GLN A 93 4.79 -18.46 31.38
N LEU A 94 4.07 -19.57 31.22
CA LEU A 94 4.04 -20.62 32.23
C LEU A 94 5.21 -21.58 32.01
N ALA A 95 5.47 -22.42 33.02
CA ALA A 95 6.43 -23.50 32.92
C ALA A 95 5.70 -24.82 32.72
N THR A 96 4.70 -25.07 33.58
CA THR A 96 3.89 -26.26 33.54
C THR A 96 2.45 -25.86 33.22
N SER A 97 1.94 -26.38 32.09
CA SER A 97 0.70 -25.93 31.49
C SER A 97 -0.51 -26.27 32.35
N VAL A 98 -1.60 -25.56 32.10
CA VAL A 98 -2.89 -25.83 32.72
C VAL A 98 -3.85 -26.23 31.61
N GLU A 99 -4.53 -27.38 31.79
CA GLU A 99 -5.40 -27.91 30.76
C GLU A 99 -6.79 -27.27 30.85
N ILE A 100 -7.26 -26.78 29.69
CA ILE A 100 -8.64 -26.34 29.52
C ILE A 100 -9.37 -27.39 28.68
N ALA A 101 -10.43 -27.97 29.24
CA ALA A 101 -11.17 -29.05 28.62
C ALA A 101 -12.61 -28.64 28.37
N CYS A 102 -13.03 -28.67 27.10
CA CYS A 102 -14.36 -28.25 26.69
C CYS A 102 -15.23 -29.46 26.41
N THR A 103 -16.39 -29.53 27.11
CA THR A 103 -17.30 -30.66 27.01
C THR A 103 -18.20 -30.51 25.79
N GLY A 104 -18.23 -29.30 25.21
CA GLY A 104 -19.00 -29.03 24.00
C GLY A 104 -20.46 -28.72 24.31
N ALA A 105 -20.76 -28.48 25.58
CA ALA A 105 -22.10 -28.11 26.02
C ALA A 105 -22.19 -26.61 26.25
N GLY A 106 -21.19 -25.88 25.72
CA GLY A 106 -21.06 -24.45 25.93
C GLY A 106 -20.14 -24.15 27.11
N HIS A 107 -19.57 -25.22 27.69
CA HIS A 107 -18.78 -25.13 28.91
C HIS A 107 -17.36 -25.62 28.65
N CYS A 108 -16.38 -24.87 29.17
CA CYS A 108 -14.99 -25.30 29.22
C CYS A 108 -14.53 -25.25 30.67
N ALA A 109 -13.72 -26.25 31.07
CA ALA A 109 -13.38 -26.50 32.46
C ALA A 109 -11.88 -26.36 32.70
N ILE A 110 -11.53 -25.79 33.87
CA ILE A 110 -10.17 -25.62 34.32
C ILE A 110 -10.10 -25.96 35.80
N SER A 111 -9.11 -26.79 36.17
CA SER A 111 -8.90 -27.18 37.56
C SER A 111 -8.70 -25.94 38.42
N ARG A 112 -9.50 -25.82 39.49
CA ARG A 112 -9.39 -24.69 40.40
C ARG A 112 -8.02 -24.70 41.08
N ALA A 113 -7.56 -25.91 41.46
CA ALA A 113 -6.27 -26.09 42.09
C ALA A 113 -5.16 -25.57 41.19
N LYS A 114 -5.07 -26.12 39.97
CA LYS A 114 -3.99 -25.80 39.04
C LYS A 114 -3.98 -24.30 38.73
N TRP A 115 -5.15 -23.70 38.56
CA TRP A 115 -5.23 -22.30 38.17
C TRP A 115 -4.84 -21.39 39.34
N ALA A 116 -5.35 -21.71 40.54
CA ALA A 116 -5.04 -20.91 41.71
C ALA A 116 -3.53 -20.88 41.93
N ASN A 117 -2.89 -22.03 41.68
CA ASN A 117 -1.47 -22.23 41.82
C ASN A 117 -0.74 -21.28 40.86
N THR A 118 -1.20 -21.26 39.60
CA THR A 118 -0.61 -20.47 38.54
C THR A 118 -0.71 -18.99 38.87
N LEU A 119 -1.82 -18.59 39.51
CA LEU A 119 -2.01 -17.21 39.92
C LEU A 119 -1.01 -16.84 41.01
N LYS A 120 -0.81 -17.76 41.97
CA LYS A 120 0.10 -17.57 43.07
C LYS A 120 1.49 -17.23 42.54
N GLN A 121 1.93 -17.99 41.53
CA GLN A 121 3.25 -17.83 40.95
C GLN A 121 3.34 -16.50 40.19
N ILE A 122 2.34 -16.24 39.35
CA ILE A 122 2.33 -15.03 38.52
C ILE A 122 2.31 -13.81 39.43
N ALA A 123 1.60 -13.92 40.55
CA ALA A 123 1.56 -12.86 41.54
C ALA A 123 2.96 -12.64 42.12
N SER A 124 3.65 -13.74 42.44
CA SER A 124 4.97 -13.66 43.05
C SER A 124 5.93 -12.86 42.16
N LYS A 125 5.88 -13.15 40.85
CA LYS A 125 6.83 -12.59 39.90
C LYS A 125 6.51 -11.11 39.63
N LEU A 126 5.21 -10.80 39.53
CA LEU A 126 4.76 -9.42 39.38
C LEU A 126 5.19 -8.61 40.59
N ARG A 127 5.31 -9.29 41.73
CA ARG A 127 5.69 -8.67 43.00
C ARG A 127 7.18 -8.37 42.97
N GLU A 128 7.98 -9.34 42.51
CA GLU A 128 9.42 -9.15 42.35
C GLU A 128 9.67 -7.89 41.53
N GLN A 129 8.93 -7.76 40.43
CA GLN A 129 9.19 -6.77 39.41
C GLN A 129 8.75 -5.38 39.89
N TYR A 130 7.57 -5.33 40.51
CA TYR A 130 6.93 -4.07 40.91
C TYR A 130 7.23 -3.74 42.37
N GLY A 131 7.74 -4.74 43.11
CA GLY A 131 8.27 -4.53 44.45
C GLY A 131 7.19 -4.41 45.53
N ALA A 132 5.92 -4.50 45.13
CA ALA A 132 4.81 -4.26 46.05
C ALA A 132 4.62 -5.45 46.99
N LYS A 133 3.39 -5.59 47.49
CA LYS A 133 3.02 -6.69 48.38
C LYS A 133 1.70 -7.31 47.91
N THR A 134 0.80 -6.44 47.42
CA THR A 134 -0.58 -6.82 47.17
C THR A 134 -0.85 -6.84 45.66
N ILE A 135 -1.17 -8.04 45.16
CA ILE A 135 -1.43 -8.24 43.73
C ILE A 135 -2.89 -8.62 43.56
N ILE A 136 -3.63 -7.76 42.86
CA ILE A 136 -5.05 -7.98 42.63
C ILE A 136 -5.28 -8.28 41.15
N PHE A 137 -5.91 -9.43 40.89
CA PHE A 137 -6.41 -9.80 39.57
C PHE A 137 -7.89 -9.43 39.46
N LYS A 138 -8.19 -8.56 38.50
CA LYS A 138 -9.55 -8.14 38.22
C LYS A 138 -9.89 -8.52 36.78
N PRO A 139 -11.19 -8.71 36.44
CA PRO A 139 -11.58 -9.13 35.08
C PRO A 139 -11.27 -8.10 34.01
N SER A 140 -11.62 -8.45 32.76
CA SER A 140 -11.31 -7.62 31.59
C SER A 140 -11.89 -6.23 31.77
N SER A 141 -11.06 -5.22 31.47
CA SER A 141 -11.42 -3.82 31.60
C SER A 141 -12.61 -3.50 30.69
N GLY A 142 -12.71 -4.23 29.58
CA GLY A 142 -13.82 -4.08 28.66
C GLY A 142 -13.35 -3.59 27.30
N GLY A 143 -14.11 -3.97 26.25
CA GLY A 143 -13.82 -3.55 24.89
C GLY A 143 -14.61 -4.39 23.88
N ASP A 144 -14.03 -4.53 22.68
CA ASP A 144 -14.61 -5.31 21.60
C ASP A 144 -14.68 -6.78 22.03
N PRO A 145 -15.66 -7.57 21.52
CA PRO A 145 -15.88 -8.94 21.98
C PRO A 145 -14.75 -9.96 21.80
N GLU A 146 -13.80 -9.64 20.91
CA GLU A 146 -12.72 -10.55 20.58
C GLU A 146 -11.67 -10.56 21.69
N PHE A 147 -11.70 -9.53 22.53
CA PHE A 147 -10.67 -9.30 23.55
C PHE A 147 -11.27 -9.38 24.94
N VAL A 148 -12.38 -8.64 25.15
CA VAL A 148 -13.04 -8.59 26.44
C VAL A 148 -13.42 -10.01 26.88
N ASN A 149 -13.50 -10.92 25.91
CA ASN A 149 -13.68 -12.33 26.16
C ASN A 149 -12.46 -13.10 25.65
N HIS A 150 -12.05 -14.11 26.41
CA HIS A 150 -11.04 -15.08 25.99
C HIS A 150 -11.53 -15.78 24.72
N SER A 151 -11.09 -15.26 23.56
CA SER A 151 -11.56 -15.72 22.27
C SER A 151 -10.50 -16.62 21.65
N PHE A 152 -10.90 -17.43 20.65
CA PHE A 152 -9.95 -18.25 19.90
C PHE A 152 -10.61 -18.86 18.67
N ASN A 153 -9.76 -19.21 17.69
CA ASN A 153 -10.18 -19.97 16.52
C ASN A 153 -9.88 -21.45 16.77
N CYS A 154 -10.62 -22.32 16.06
CA CYS A 154 -10.54 -23.76 16.23
C CYS A 154 -11.28 -24.43 15.08
N GLY A 155 -10.52 -25.02 14.16
CA GLY A 155 -11.05 -25.74 13.02
C GLY A 155 -11.68 -24.81 11.97
N GLY A 156 -11.33 -23.52 12.02
CA GLY A 156 -11.88 -22.53 11.11
C GLY A 156 -13.00 -21.73 11.75
N GLU A 157 -13.64 -22.31 12.78
CA GLU A 157 -14.70 -21.65 13.52
C GLU A 157 -14.08 -20.80 14.63
N PHE A 158 -14.81 -19.75 15.04
CA PHE A 158 -14.35 -18.82 16.07
C PHE A 158 -15.28 -18.92 17.28
N PHE A 159 -14.67 -18.89 18.48
CA PHE A 159 -15.40 -19.06 19.73
C PHE A 159 -15.04 -17.91 20.66
N TYR A 160 -15.92 -17.66 21.62
CA TYR A 160 -15.63 -16.70 22.69
C TYR A 160 -15.91 -17.39 24.01
N CYS A 161 -15.16 -16.99 25.05
CA CYS A 161 -15.36 -17.50 26.40
C CYS A 161 -15.29 -16.33 27.38
N ALA A 162 -16.19 -16.35 28.37
CA ALA A 162 -16.13 -15.41 29.49
C ALA A 162 -15.12 -15.93 30.50
N SER A 163 -14.22 -15.04 30.94
CA SER A 163 -13.04 -15.43 31.70
C SER A 163 -12.97 -14.64 33.00
N THR A 164 -14.05 -13.94 33.33
CA THR A 164 -14.08 -13.08 34.50
C THR A 164 -14.00 -13.95 35.76
N GLN A 165 -14.12 -15.27 35.57
CA GLN A 165 -14.06 -16.22 36.66
C GLN A 165 -12.61 -16.63 36.95
N LEU A 166 -11.68 -16.29 36.05
CA LEU A 166 -10.28 -16.67 36.18
C LEU A 166 -9.50 -15.57 36.91
N PHE A 167 -9.97 -14.32 36.78
CA PHE A 167 -9.20 -13.16 37.19
C PHE A 167 -9.98 -12.33 38.20
N ALA A 168 -10.01 -12.81 39.46
CA ALA A 168 -10.81 -12.19 40.51
C ALA A 168 -10.31 -12.65 41.89
N SER A 169 -9.09 -12.22 42.25
CA SER A 169 -8.48 -12.64 43.49
C SER A 169 -7.41 -11.65 43.92
N THR A 170 -7.02 -11.73 45.20
CA THR A 170 -5.98 -10.89 45.78
C THR A 170 -4.91 -11.81 46.36
N TRP A 171 -3.65 -11.34 46.35
CA TRP A 171 -2.53 -12.14 46.80
C TRP A 171 -1.52 -11.28 47.57
N PHE A 172 -0.85 -11.92 48.54
CA PHE A 172 -0.02 -11.24 49.53
C PHE A 172 1.36 -11.93 49.66
N GLN B 1 6.20 -19.32 -7.29
CA GLN B 1 6.00 -18.57 -6.02
C GLN B 1 4.55 -18.11 -5.89
N VAL B 2 4.25 -17.47 -4.76
CA VAL B 2 2.93 -16.93 -4.45
C VAL B 2 2.68 -15.71 -5.33
N GLN B 3 1.42 -15.54 -5.77
CA GLN B 3 1.05 -14.48 -6.69
C GLN B 3 -0.39 -14.06 -6.44
N LEU B 4 -0.63 -12.74 -6.48
CA LEU B 4 -1.94 -12.19 -6.22
C LEU B 4 -2.35 -11.27 -7.39
N GLN B 5 -3.56 -11.49 -7.93
CA GLN B 5 -4.15 -10.57 -8.89
C GLN B 5 -5.54 -10.15 -8.40
N GLU B 6 -5.77 -8.83 -8.35
CA GLU B 6 -7.06 -8.28 -7.99
C GLU B 6 -8.00 -8.36 -9.20
N SER B 7 -9.30 -8.27 -8.92
CA SER B 7 -10.34 -8.11 -9.93
C SER B 7 -11.51 -7.34 -9.34
N GLY B 8 -12.28 -6.69 -10.22
CA GLY B 8 -13.49 -5.98 -9.81
C GLY B 8 -13.61 -4.60 -10.47
N PRO B 9 -14.79 -3.96 -10.39
CA PRO B 9 -15.04 -2.70 -11.10
C PRO B 9 -14.29 -1.48 -10.58
N GLY B 10 -13.69 -0.73 -11.52
CA GLY B 10 -12.89 0.45 -11.21
C GLY B 10 -13.74 1.72 -11.10
N LEU B 11 -15.07 1.57 -11.25
CA LEU B 11 -15.98 2.68 -11.02
C LEU B 11 -17.08 2.24 -10.05
N VAL B 12 -17.35 3.10 -9.06
CA VAL B 12 -18.47 2.94 -8.15
C VAL B 12 -19.02 4.33 -7.85
N GLU B 13 -20.25 4.59 -8.34
CA GLU B 13 -20.93 5.86 -8.12
C GLU B 13 -21.30 5.96 -6.63
N PRO B 14 -21.43 7.19 -6.06
CA PRO B 14 -21.55 7.36 -4.61
C PRO B 14 -22.68 6.58 -3.94
N SER B 15 -22.58 6.42 -2.61
CA SER B 15 -23.55 5.73 -1.77
C SER B 15 -23.32 4.22 -1.80
N GLY B 16 -23.12 3.68 -3.00
CA GLY B 16 -23.06 2.24 -3.24
C GLY B 16 -21.83 1.59 -2.61
N THR B 17 -21.55 0.35 -3.04
CA THR B 17 -20.58 -0.52 -2.39
C THR B 17 -19.51 -0.96 -3.39
N LEU B 18 -18.26 -1.00 -2.93
CA LEU B 18 -17.14 -1.49 -3.70
C LEU B 18 -16.83 -2.95 -3.33
N SER B 19 -17.08 -3.85 -4.29
CA SER B 19 -16.69 -5.24 -4.18
C SER B 19 -15.42 -5.48 -5.00
N LEU B 20 -14.46 -6.20 -4.41
CA LEU B 20 -13.17 -6.42 -5.05
C LEU B 20 -12.58 -7.75 -4.55
N THR B 21 -11.99 -8.52 -5.47
CA THR B 21 -11.56 -9.88 -5.18
C THR B 21 -10.07 -10.05 -5.46
N CYS B 22 -9.35 -10.61 -4.48
CA CYS B 22 -7.97 -11.03 -4.68
C CYS B 22 -7.94 -12.53 -4.94
N ALA B 23 -7.40 -12.91 -6.11
CA ALA B 23 -7.23 -14.30 -6.48
C ALA B 23 -5.80 -14.73 -6.14
N VAL B 24 -5.68 -15.80 -5.35
CA VAL B 24 -4.38 -16.28 -4.89
C VAL B 24 -3.98 -17.51 -5.71
N SER B 25 -2.78 -17.45 -6.30
CA SER B 25 -2.24 -18.52 -7.11
C SER B 25 -0.87 -18.91 -6.58
N GLY B 26 -0.61 -20.23 -6.53
CA GLY B 26 0.64 -20.77 -6.03
C GLY B 26 0.75 -20.66 -4.51
N GLY B 27 -0.38 -20.87 -3.82
CA GLY B 27 -0.45 -20.84 -2.37
C GLY B 27 -1.90 -20.79 -1.89
N SER B 28 -2.20 -21.50 -0.79
CA SER B 28 -3.55 -21.59 -0.27
C SER B 28 -3.86 -20.41 0.64
N ILE B 29 -5.15 -20.07 0.75
CA ILE B 29 -5.59 -19.03 1.67
C ILE B 29 -5.76 -19.65 3.05
N SER B 30 -5.68 -20.99 3.10
CA SER B 30 -5.72 -21.75 4.32
C SER B 30 -4.30 -22.14 4.73
N SER B 31 -3.44 -21.13 4.91
CA SER B 31 -2.08 -21.31 5.38
C SER B 31 -1.98 -20.84 6.83
N THR B 32 -0.92 -20.09 7.15
CA THR B 32 -0.68 -19.63 8.51
C THR B 32 -0.58 -18.10 8.53
N ASN B 33 -0.99 -17.48 7.42
CA ASN B 33 -0.72 -16.08 7.16
C ASN B 33 -1.99 -15.27 7.41
N TRP B 34 -1.85 -13.94 7.27
CA TRP B 34 -2.97 -13.02 7.18
C TRP B 34 -3.04 -12.48 5.76
N TRP B 35 -4.20 -11.93 5.38
CA TRP B 35 -4.40 -11.40 4.04
C TRP B 35 -4.97 -9.99 4.16
N THR B 36 -4.34 -9.04 3.45
CA THR B 36 -4.52 -7.64 3.75
C THR B 36 -5.00 -6.87 2.52
N TRP B 37 -5.79 -5.82 2.78
CA TRP B 37 -6.15 -4.82 1.78
C TRP B 37 -5.58 -3.47 2.19
N VAL B 38 -4.91 -2.81 1.24
CA VAL B 38 -4.36 -1.48 1.44
C VAL B 38 -4.74 -0.60 0.26
N ARG B 39 -5.11 0.65 0.54
CA ARG B 39 -5.42 1.62 -0.50
C ARG B 39 -4.39 2.74 -0.49
N GLN B 40 -4.15 3.33 -1.66
CA GLN B 40 -3.15 4.38 -1.84
C GLN B 40 -3.72 5.49 -2.74
N THR B 41 -3.68 6.72 -2.22
CA THR B 41 -4.13 7.91 -2.93
C THR B 41 -2.96 8.86 -3.14
N PRO B 42 -2.73 9.35 -4.38
CA PRO B 42 -1.76 10.43 -4.61
C PRO B 42 -2.11 11.63 -3.72
N GLY B 43 -1.12 12.11 -2.98
CA GLY B 43 -1.31 13.25 -2.10
C GLY B 43 -1.60 12.82 -0.66
N THR B 44 -2.38 11.73 -0.51
CA THR B 44 -2.81 11.26 0.79
C THR B 44 -1.81 10.25 1.35
N GLY B 45 -1.42 9.28 0.52
CA GLY B 45 -0.42 8.29 0.90
C GLY B 45 -1.00 6.88 0.99
N LEU B 46 -0.36 6.04 1.82
CA LEU B 46 -0.75 4.65 2.01
C LEU B 46 -1.60 4.52 3.28
N GLU B 47 -2.73 3.83 3.13
CA GLU B 47 -3.65 3.59 4.25
C GLU B 47 -4.03 2.11 4.29
N TRP B 48 -3.78 1.50 5.45
CA TRP B 48 -4.13 0.12 5.74
C TRP B 48 -5.63 0.04 6.04
N ILE B 49 -6.32 -0.86 5.34
CA ILE B 49 -7.77 -1.00 5.47
C ILE B 49 -8.09 -2.07 6.50
N GLY B 50 -7.60 -3.29 6.27
CA GLY B 50 -7.86 -4.40 7.18
C GLY B 50 -7.15 -5.68 6.75
N GLU B 51 -7.30 -6.73 7.57
CA GLU B 51 -6.67 -8.02 7.33
C GLU B 51 -7.58 -9.12 7.86
N ILE B 52 -7.34 -10.36 7.40
CA ILE B 52 -8.18 -11.48 7.78
C ILE B 52 -7.31 -12.73 7.90
N HIS B 53 -7.64 -13.58 8.89
CA HIS B 53 -6.97 -14.86 9.05
C HIS B 53 -7.77 -15.92 8.31
N HIS B 54 -7.14 -17.07 8.05
CA HIS B 54 -7.79 -18.18 7.37
C HIS B 54 -8.89 -18.76 8.25
N SER B 55 -8.94 -18.32 9.53
CA SER B 55 -9.94 -18.79 10.48
C SER B 55 -10.97 -17.72 10.78
N GLY B 56 -11.24 -16.85 9.78
CA GLY B 56 -12.39 -15.96 9.80
C GLY B 56 -12.23 -14.78 10.77
N ILE B 57 -11.00 -14.52 11.22
CA ILE B 57 -10.73 -13.42 12.13
C ILE B 57 -10.49 -12.16 11.29
N THR B 58 -10.96 -11.02 11.77
CA THR B 58 -11.03 -9.82 10.94
C THR B 58 -10.62 -8.58 11.74
N ASN B 59 -9.54 -7.92 11.28
CA ASN B 59 -9.06 -6.67 11.85
C ASN B 59 -9.26 -5.53 10.87
N TYR B 60 -9.98 -4.49 11.31
CA TYR B 60 -10.31 -3.35 10.47
C TYR B 60 -9.76 -2.06 11.07
N ASN B 61 -9.23 -1.19 10.20
CA ASN B 61 -8.85 0.16 10.57
C ASN B 61 -10.05 0.83 11.26
N PRO B 62 -9.87 1.36 12.50
CA PRO B 62 -10.95 2.06 13.20
C PRO B 62 -11.76 3.01 12.32
N SER B 63 -11.07 3.72 11.42
CA SER B 63 -11.65 4.78 10.60
C SER B 63 -12.70 4.24 9.63
N LEU B 64 -12.68 2.92 9.36
CA LEU B 64 -13.50 2.36 8.29
C LEU B 64 -14.40 1.23 8.79
N LYS B 65 -14.39 0.96 10.10
CA LYS B 65 -15.04 -0.22 10.68
C LYS B 65 -16.49 -0.32 10.25
N SER B 66 -17.19 0.82 10.27
CA SER B 66 -18.63 0.90 10.05
C SER B 66 -19.01 0.49 8.62
N ARG B 67 -18.01 0.35 7.74
CA ARG B 67 -18.25 0.29 6.31
C ARG B 67 -17.59 -0.94 5.66
N VAL B 68 -16.67 -1.59 6.37
CA VAL B 68 -15.74 -2.51 5.73
C VAL B 68 -16.09 -3.96 6.07
N THR B 69 -15.87 -4.84 5.08
CA THR B 69 -16.05 -6.29 5.24
C THR B 69 -14.94 -6.99 4.45
N ILE B 70 -14.28 -7.96 5.11
CA ILE B 70 -13.32 -8.83 4.45
C ILE B 70 -13.80 -10.27 4.62
N SER B 71 -13.63 -11.07 3.56
CA SER B 71 -14.15 -12.41 3.54
C SER B 71 -13.18 -13.33 2.81
N VAL B 72 -13.23 -14.62 3.18
CA VAL B 72 -12.33 -15.63 2.65
C VAL B 72 -13.14 -16.73 1.97
N ASP B 73 -12.90 -16.90 0.67
CA ASP B 73 -13.58 -17.90 -0.15
C ASP B 73 -12.61 -19.06 -0.37
N LYS B 74 -12.69 -20.07 0.52
CA LYS B 74 -11.73 -21.16 0.52
C LYS B 74 -11.94 -22.08 -0.68
N SER B 75 -13.15 -22.09 -1.24
CA SER B 75 -13.49 -22.94 -2.37
C SER B 75 -12.79 -22.45 -3.64
N LYS B 76 -12.70 -21.11 -3.78
CA LYS B 76 -12.17 -20.47 -4.97
C LYS B 76 -10.73 -20.00 -4.73
N ASN B 77 -10.26 -20.12 -3.48
CA ASN B 77 -8.88 -19.81 -3.09
C ASN B 77 -8.62 -18.32 -3.27
N GLN B 78 -9.50 -17.50 -2.67
CA GLN B 78 -9.45 -16.06 -2.82
C GLN B 78 -9.88 -15.40 -1.52
N PHE B 79 -9.67 -14.09 -1.45
CA PHE B 79 -10.29 -13.27 -0.43
C PHE B 79 -10.86 -12.02 -1.11
N SER B 80 -11.71 -11.28 -0.39
CA SER B 80 -12.48 -10.22 -1.01
C SER B 80 -12.71 -9.06 -0.05
N LEU B 81 -12.81 -7.85 -0.61
CA LEU B 81 -13.03 -6.64 0.15
C LEU B 81 -14.33 -5.98 -0.31
N LYS B 82 -15.18 -5.64 0.68
CA LYS B 82 -16.46 -5.01 0.41
C LYS B 82 -16.59 -3.75 1.28
N LEU B 83 -16.59 -2.58 0.62
CA LEU B 83 -16.73 -1.28 1.28
C LEU B 83 -18.09 -0.66 0.95
N SER B 84 -18.94 -0.52 1.97
CA SER B 84 -20.26 0.08 1.78
C SER B 84 -20.21 1.57 2.11
N SER B 85 -21.13 2.32 1.49
CA SER B 85 -21.32 3.75 1.71
C SER B 85 -20.09 4.54 1.29
N VAL B 86 -19.64 4.31 0.05
CA VAL B 86 -18.40 4.89 -0.46
C VAL B 86 -18.62 6.37 -0.81
N ILE B 87 -17.57 7.16 -0.55
CA ILE B 87 -17.56 8.60 -0.83
C ILE B 87 -16.40 8.88 -1.78
N ALA B 88 -16.36 10.09 -2.34
CA ALA B 88 -15.30 10.54 -3.23
C ALA B 88 -13.93 10.40 -2.56
N ALA B 89 -13.93 10.38 -1.22
CA ALA B 89 -12.72 10.23 -0.42
C ALA B 89 -12.03 8.89 -0.70
N ASP B 90 -12.79 7.90 -1.17
CA ASP B 90 -12.29 6.54 -1.36
C ASP B 90 -11.71 6.33 -2.76
N THR B 91 -11.59 7.39 -3.55
CA THR B 91 -11.04 7.30 -4.89
C THR B 91 -9.53 7.05 -4.80
N ALA B 92 -9.11 5.81 -5.12
CA ALA B 92 -7.74 5.39 -4.87
C ALA B 92 -7.40 4.08 -5.59
N ALA B 93 -6.16 3.61 -5.35
CA ALA B 93 -5.68 2.33 -5.83
C ALA B 93 -5.75 1.30 -4.71
N TYR B 94 -6.31 0.13 -5.02
CA TYR B 94 -6.60 -0.91 -4.03
C TYR B 94 -5.74 -2.14 -4.27
N TYR B 95 -4.84 -2.41 -3.32
CA TYR B 95 -3.92 -3.53 -3.41
C TYR B 95 -4.34 -4.60 -2.42
N CYS B 96 -4.17 -5.87 -2.85
CA CYS B 96 -4.21 -7.01 -1.95
C CYS B 96 -2.78 -7.52 -1.76
N ALA B 97 -2.35 -7.62 -0.49
CA ALA B 97 -1.00 -8.04 -0.18
C ALA B 97 -1.03 -9.08 0.94
N ARG B 98 -0.14 -10.07 0.85
CA ARG B 98 0.02 -11.07 1.89
C ARG B 98 1.25 -10.75 2.74
N GLY B 99 1.03 -10.53 4.03
CA GLY B 99 2.10 -10.42 5.01
C GLY B 99 2.83 -11.75 5.15
N ASP B 100 3.28 -12.04 6.37
CA ASP B 100 3.98 -13.28 6.64
C ASP B 100 3.93 -13.57 8.15
N ASP B 101 2.78 -14.07 8.62
CA ASP B 101 2.57 -14.43 10.01
C ASP B 101 2.43 -13.16 10.86
N ILE B 102 1.64 -12.19 10.36
CA ILE B 102 1.51 -10.83 10.88
C ILE B 102 2.86 -10.33 11.40
N LEU B 103 3.92 -11.04 11.05
CA LEU B 103 5.28 -10.56 11.23
C LEU B 103 5.50 -9.46 10.19
N THR B 104 5.14 -8.24 10.61
CA THR B 104 5.61 -7.00 10.03
C THR B 104 5.39 -6.96 8.52
N GLY B 105 6.29 -7.57 7.74
CA GLY B 105 6.43 -7.28 6.33
C GLY B 105 5.28 -7.83 5.48
N TYR B 106 4.74 -6.96 4.62
CA TYR B 106 3.84 -7.34 3.53
C TYR B 106 4.67 -7.81 2.34
N ASN B 107 4.86 -9.14 2.29
CA ASN B 107 5.87 -9.81 1.50
C ASN B 107 5.55 -9.70 0.01
N TYR B 108 4.50 -10.40 -0.44
CA TYR B 108 4.07 -10.40 -1.83
C TYR B 108 2.84 -9.50 -1.98
N TRP B 109 2.84 -8.70 -3.06
CA TRP B 109 1.73 -7.81 -3.36
C TRP B 109 1.07 -8.21 -4.68
N GLY B 110 -0.17 -7.74 -4.86
CA GLY B 110 -0.85 -7.79 -6.14
C GLY B 110 -0.65 -6.48 -6.90
N GLN B 111 -0.86 -6.53 -8.22
CA GLN B 111 -0.59 -5.41 -9.12
C GLN B 111 -1.48 -4.21 -8.78
N GLY B 112 -2.52 -4.45 -7.97
CA GLY B 112 -3.43 -3.39 -7.56
C GLY B 112 -4.40 -3.03 -8.68
N THR B 113 -5.51 -2.41 -8.30
CA THR B 113 -6.51 -1.97 -9.25
C THR B 113 -7.07 -0.63 -8.79
N LEU B 114 -7.22 0.30 -9.75
CA LEU B 114 -7.65 1.66 -9.47
C LEU B 114 -9.18 1.70 -9.41
N VAL B 115 -9.72 2.52 -8.49
CA VAL B 115 -11.16 2.58 -8.26
C VAL B 115 -11.59 4.03 -8.04
N THR B 116 -12.37 4.56 -9.00
CA THR B 116 -12.91 5.91 -8.91
C THR B 116 -14.28 5.86 -8.25
N VAL B 117 -14.53 6.82 -7.36
CA VAL B 117 -15.86 7.10 -6.85
C VAL B 117 -16.37 8.36 -7.54
N SER B 118 -17.00 8.15 -8.70
CA SER B 118 -17.50 9.22 -9.54
C SER B 118 -18.90 8.87 -10.04
N SER B 119 -19.75 9.89 -10.15
CA SER B 119 -21.12 9.75 -10.62
C SER B 119 -21.22 10.07 -12.12
N ALA B 120 -20.11 9.89 -12.84
CA ALA B 120 -20.07 10.11 -14.29
C ALA B 120 -20.03 8.77 -15.02
N SER B 121 -20.49 8.78 -16.28
CA SER B 121 -20.60 7.57 -17.07
C SER B 121 -19.24 7.11 -17.57
N THR B 122 -19.19 5.87 -18.06
CA THR B 122 -17.99 5.26 -18.64
C THR B 122 -18.05 5.38 -20.16
N LYS B 123 -16.90 5.65 -20.78
CA LYS B 123 -16.80 5.78 -22.23
C LYS B 123 -15.36 5.56 -22.69
N GLY B 124 -15.22 5.11 -23.95
CA GLY B 124 -13.93 4.81 -24.53
C GLY B 124 -13.27 6.05 -25.16
N PRO B 125 -11.94 6.05 -25.32
CA PRO B 125 -11.22 7.18 -25.94
C PRO B 125 -11.27 7.14 -27.46
N SER B 126 -10.93 8.28 -28.08
CA SER B 126 -10.62 8.31 -29.50
C SER B 126 -9.11 8.47 -29.67
N VAL B 127 -8.55 7.73 -30.64
CA VAL B 127 -7.12 7.61 -30.81
C VAL B 127 -6.70 8.26 -32.12
N PHE B 128 -6.01 9.40 -32.02
CA PHE B 128 -5.55 10.18 -33.17
C PHE B 128 -4.05 10.05 -33.30
N PRO B 129 -3.51 9.68 -34.50
CA PRO B 129 -2.07 9.51 -34.67
C PRO B 129 -1.30 10.82 -34.54
N LEU B 130 0.03 10.71 -34.40
CA LEU B 130 0.94 11.85 -34.29
C LEU B 130 2.19 11.57 -35.12
N ALA B 131 2.20 12.09 -36.36
CA ALA B 131 3.22 11.76 -37.34
C ALA B 131 3.88 13.02 -37.91
N PRO B 132 5.16 12.96 -38.34
CA PRO B 132 5.89 14.13 -38.84
C PRO B 132 5.71 14.34 -40.35
N GLY B 139 16.06 16.15 -36.52
CA GLY B 139 17.49 16.03 -36.14
C GLY B 139 17.96 14.58 -36.18
N GLY B 140 17.77 13.92 -37.33
CA GLY B 140 18.27 12.58 -37.56
C GLY B 140 17.34 11.49 -37.02
N THR B 141 16.58 11.84 -35.96
CA THR B 141 15.69 10.91 -35.28
C THR B 141 14.26 11.40 -35.43
N ALA B 142 13.33 10.45 -35.64
CA ALA B 142 11.93 10.75 -35.88
C ALA B 142 11.09 10.38 -34.66
N ALA B 143 9.99 11.11 -34.45
CA ALA B 143 9.12 10.90 -33.30
C ALA B 143 7.68 10.67 -33.75
N LEU B 144 7.09 9.55 -33.30
CA LEU B 144 5.70 9.21 -33.56
C LEU B 144 4.93 9.22 -32.24
N GLY B 145 3.60 9.12 -32.33
CA GLY B 145 2.76 9.09 -31.14
C GLY B 145 1.31 8.73 -31.43
N CYS B 146 0.60 8.31 -30.37
CA CYS B 146 -0.84 8.12 -30.36
C CYS B 146 -1.47 9.00 -29.29
N LEU B 147 -2.40 9.87 -29.70
CA LEU B 147 -3.11 10.76 -28.80
C LEU B 147 -4.41 10.10 -28.38
N VAL B 148 -4.55 9.85 -27.07
CA VAL B 148 -5.72 9.21 -26.51
C VAL B 148 -6.55 10.28 -25.77
N LYS B 149 -7.68 10.64 -26.37
CA LYS B 149 -8.42 11.82 -25.93
C LYS B 149 -9.84 11.45 -25.48
N ASP B 150 -10.20 11.96 -24.29
CA ASP B 150 -11.55 11.96 -23.74
C ASP B 150 -12.03 10.55 -23.43
N TYR B 151 -11.58 10.02 -22.28
CA TYR B 151 -12.01 8.73 -21.79
C TYR B 151 -12.34 8.82 -20.30
N PHE B 152 -13.08 7.82 -19.80
CA PHE B 152 -13.41 7.67 -18.40
C PHE B 152 -13.94 6.26 -18.16
N PRO B 153 -13.59 5.59 -17.02
CA PRO B 153 -12.54 6.05 -16.12
C PRO B 153 -11.18 5.47 -16.49
N GLU B 154 -10.16 5.79 -15.68
CA GLU B 154 -8.80 5.28 -15.85
C GLU B 154 -8.79 3.78 -15.64
N PRO B 155 -7.74 3.05 -16.09
CA PRO B 155 -6.67 3.61 -16.92
C PRO B 155 -6.83 3.26 -18.39
N VAL B 156 -5.77 3.48 -19.19
CA VAL B 156 -5.70 3.00 -20.56
C VAL B 156 -4.39 2.25 -20.77
N THR B 157 -4.42 1.25 -21.66
CA THR B 157 -3.29 0.36 -21.89
C THR B 157 -2.74 0.59 -23.30
N VAL B 158 -1.84 1.57 -23.41
CA VAL B 158 -1.26 1.97 -24.68
C VAL B 158 0.04 1.20 -24.89
N SER B 159 0.13 0.46 -26.00
CA SER B 159 1.35 -0.22 -26.39
C SER B 159 1.69 0.13 -27.83
N TRP B 160 2.88 -0.29 -28.28
CA TRP B 160 3.35 -0.05 -29.64
C TRP B 160 3.80 -1.37 -30.27
N ASN B 161 3.30 -1.65 -31.48
CA ASN B 161 3.62 -2.87 -32.20
C ASN B 161 3.43 -4.09 -31.29
N SER B 162 2.39 -4.03 -30.44
CA SER B 162 2.01 -5.12 -29.56
C SER B 162 3.18 -5.58 -28.69
N GLY B 163 3.96 -4.60 -28.20
CA GLY B 163 5.00 -4.84 -27.21
C GLY B 163 6.35 -5.20 -27.83
N ALA B 164 6.47 -5.01 -29.15
CA ALA B 164 7.71 -5.28 -29.86
C ALA B 164 8.62 -4.06 -29.84
N LEU B 165 7.99 -2.87 -29.83
CA LEU B 165 8.70 -1.60 -29.85
C LEU B 165 8.39 -0.83 -28.56
N THR B 166 9.16 -1.11 -27.50
CA THR B 166 9.00 -0.45 -26.22
C THR B 166 10.25 0.37 -25.90
N SER B 167 11.14 0.51 -26.89
CA SER B 167 12.34 1.32 -26.73
C SER B 167 12.05 2.74 -27.19
N GLY B 168 12.27 3.70 -26.29
CA GLY B 168 12.10 5.11 -26.59
C GLY B 168 10.68 5.62 -26.31
N VAL B 169 9.80 4.71 -25.87
CA VAL B 169 8.39 5.00 -25.68
C VAL B 169 8.21 5.83 -24.41
N HIS B 170 7.32 6.83 -24.48
CA HIS B 170 6.93 7.63 -23.33
C HIS B 170 5.42 7.82 -23.31
N THR B 171 4.77 7.11 -22.37
CA THR B 171 3.33 7.17 -22.16
C THR B 171 3.04 8.10 -20.99
N PHE B 172 2.73 9.35 -21.31
CA PHE B 172 2.59 10.42 -20.34
C PHE B 172 1.43 10.13 -19.39
N PRO B 173 1.49 10.63 -18.13
CA PRO B 173 0.35 10.54 -17.21
C PRO B 173 -0.89 11.27 -17.72
N ALA B 174 -2.06 10.73 -17.38
CA ALA B 174 -3.34 11.30 -17.78
C ALA B 174 -3.56 12.63 -17.06
N VAL B 175 -4.53 13.41 -17.57
CA VAL B 175 -4.93 14.67 -16.96
C VAL B 175 -6.45 14.80 -17.09
N LEU B 176 -7.09 15.14 -15.98
CA LEU B 176 -8.54 15.33 -15.93
C LEU B 176 -8.89 16.67 -16.58
N GLN B 177 -9.75 16.61 -17.62
CA GLN B 177 -10.28 17.79 -18.27
C GLN B 177 -11.32 18.45 -17.38
N SER B 178 -11.75 19.67 -17.76
CA SER B 178 -12.85 20.35 -17.11
C SER B 178 -14.17 19.64 -17.43
N SER B 179 -14.14 18.80 -18.48
CA SER B 179 -15.24 17.93 -18.86
C SER B 179 -15.33 16.73 -17.92
N GLY B 180 -14.23 16.44 -17.22
CA GLY B 180 -14.16 15.29 -16.33
C GLY B 180 -13.83 14.03 -17.10
N LEU B 181 -13.16 14.20 -18.25
CA LEU B 181 -12.64 13.10 -19.04
C LEU B 181 -11.11 13.17 -19.03
N TYR B 182 -10.47 12.02 -18.80
CA TYR B 182 -9.01 11.94 -18.79
C TYR B 182 -8.49 12.00 -20.22
N SER B 183 -7.19 12.30 -20.37
CA SER B 183 -6.52 12.37 -21.66
C SER B 183 -5.01 12.24 -21.48
N LEU B 184 -4.33 11.72 -22.52
CA LEU B 184 -2.88 11.58 -22.52
C LEU B 184 -2.37 11.28 -23.93
N SER B 185 -1.05 11.40 -24.12
CA SER B 185 -0.38 10.94 -25.32
C SER B 185 0.66 9.88 -24.98
N SER B 186 0.98 9.04 -25.97
CA SER B 186 2.12 8.14 -25.90
C SER B 186 2.97 8.34 -27.15
N VAL B 187 4.26 8.62 -26.94
CA VAL B 187 5.16 8.98 -28.03
C VAL B 187 6.28 7.94 -28.12
N VAL B 188 7.03 7.96 -29.23
CA VAL B 188 8.10 6.99 -29.48
C VAL B 188 9.08 7.53 -30.52
N THR B 189 10.38 7.46 -30.19
CA THR B 189 11.44 7.86 -31.10
C THR B 189 11.97 6.63 -31.85
N VAL B 190 12.11 6.78 -33.18
CA VAL B 190 12.68 5.78 -34.05
C VAL B 190 13.59 6.48 -35.06
N PRO B 191 14.70 5.85 -35.52
CA PRO B 191 15.54 6.44 -36.57
C PRO B 191 14.72 6.85 -37.79
N SER B 192 15.06 8.02 -38.34
CA SER B 192 14.30 8.66 -39.40
C SER B 192 14.15 7.73 -40.61
N SER B 193 15.19 6.93 -40.88
CA SER B 193 15.27 6.10 -42.07
C SER B 193 14.43 4.83 -41.93
N SER B 194 13.50 4.82 -40.95
CA SER B 194 12.66 3.67 -40.72
C SER B 194 11.17 4.02 -40.85
N LEU B 195 10.86 5.26 -41.20
CA LEU B 195 9.48 5.76 -41.28
C LEU B 195 8.75 5.11 -42.46
N GLY B 196 9.52 4.78 -43.51
CA GLY B 196 8.98 4.22 -44.74
C GLY B 196 9.16 2.71 -44.80
N THR B 197 10.22 2.21 -44.13
CA THR B 197 10.57 0.80 -44.18
C THR B 197 9.58 -0.02 -43.37
N GLN B 198 8.93 0.60 -42.36
CA GLN B 198 7.94 -0.08 -41.52
C GLN B 198 6.91 0.89 -40.96
N THR B 199 5.72 0.34 -40.65
CA THR B 199 4.65 1.10 -40.01
C THR B 199 4.71 0.84 -38.50
N TYR B 200 4.33 1.88 -37.75
CA TYR B 200 4.18 1.80 -36.31
C TYR B 200 2.70 1.90 -35.97
N ILE B 201 2.23 0.94 -35.16
CA ILE B 201 0.84 0.81 -34.78
C ILE B 201 0.73 0.74 -33.26
N CYS B 202 0.03 1.72 -32.67
CA CYS B 202 -0.23 1.71 -31.24
C CYS B 202 -1.48 0.86 -30.96
N ASN B 203 -1.48 0.19 -29.81
CA ASN B 203 -2.60 -0.63 -29.38
C ASN B 203 -3.12 -0.06 -28.07
N VAL B 204 -4.17 0.76 -28.16
CA VAL B 204 -4.81 1.37 -26.99
C VAL B 204 -5.93 0.45 -26.52
N ASN B 205 -5.80 -0.05 -25.28
CA ASN B 205 -6.88 -0.76 -24.62
C ASN B 205 -7.50 0.13 -23.55
N HIS B 206 -8.81 -0.03 -23.35
CA HIS B 206 -9.54 0.63 -22.30
C HIS B 206 -10.60 -0.34 -21.79
N LYS B 207 -10.20 -1.19 -20.83
CA LYS B 207 -11.00 -2.33 -20.39
C LYS B 207 -12.28 -1.90 -19.67
N PRO B 208 -12.34 -0.69 -19.06
CA PRO B 208 -13.63 -0.11 -18.64
C PRO B 208 -14.79 -0.13 -19.65
N SER B 209 -14.55 0.38 -20.86
CA SER B 209 -15.52 0.30 -21.94
C SER B 209 -15.11 -0.79 -22.94
N ASN B 210 -14.04 -1.53 -22.60
CA ASN B 210 -13.42 -2.57 -23.41
C ASN B 210 -13.38 -2.19 -24.89
N THR B 211 -12.51 -1.22 -25.23
CA THR B 211 -12.16 -0.95 -26.61
C THR B 211 -10.69 -1.29 -26.82
N LYS B 212 -10.40 -2.09 -27.86
CA LYS B 212 -9.05 -2.54 -28.17
C LYS B 212 -8.57 -1.85 -29.46
N VAL B 213 -8.66 -0.53 -29.47
CA VAL B 213 -8.37 0.30 -30.63
C VAL B 213 -6.89 0.17 -31.00
N ASP B 214 -6.65 -0.07 -32.29
CA ASP B 214 -5.33 0.09 -32.89
C ASP B 214 -5.35 1.34 -33.78
N LYS B 215 -4.18 1.92 -34.02
CA LYS B 215 -4.07 3.08 -34.89
C LYS B 215 -2.69 3.08 -35.56
N LYS B 216 -2.70 3.11 -36.90
CA LYS B 216 -1.48 3.16 -37.69
C LYS B 216 -1.01 4.61 -37.76
N VAL B 217 0.30 4.82 -37.56
CA VAL B 217 0.90 6.14 -37.65
C VAL B 217 1.82 6.18 -38.87
N GLU B 218 1.43 6.98 -39.88
CA GLU B 218 2.16 7.09 -41.13
C GLU B 218 2.48 8.56 -41.42
N PRO B 219 3.68 8.87 -41.95
CA PRO B 219 4.09 10.27 -42.19
C PRO B 219 3.24 11.01 -43.23
N LYS B 220 3.56 12.29 -43.44
CA LYS B 220 2.88 13.13 -44.41
C LYS B 220 3.89 13.67 -45.44
N ASP C 1 -3.34 5.96 16.45
CA ASP C 1 -2.35 5.45 15.47
C ASP C 1 -0.94 5.91 15.87
N ILE C 2 0.06 5.25 15.28
CA ILE C 2 1.46 5.58 15.50
C ILE C 2 1.92 6.40 14.29
N GLN C 3 2.40 7.63 14.55
CA GLN C 3 2.71 8.56 13.49
C GLN C 3 4.14 8.33 12.99
N MET C 4 4.25 8.03 11.69
CA MET C 4 5.54 7.81 11.05
C MET C 4 5.88 9.05 10.22
N THR C 5 6.90 9.79 10.64
CA THR C 5 7.38 10.97 9.93
C THR C 5 8.73 10.65 9.29
N GLN C 6 8.78 10.69 7.96
CA GLN C 6 10.02 10.41 7.24
C GLN C 6 10.82 11.70 7.14
N SER C 7 12.04 11.59 6.63
CA SER C 7 12.94 12.73 6.52
C SER C 7 14.10 12.37 5.59
N PRO C 8 14.33 13.11 4.48
CA PRO C 8 13.41 14.16 4.02
C PRO C 8 12.30 13.52 3.19
N SER C 9 11.44 14.37 2.60
CA SER C 9 10.35 13.88 1.76
C SER C 9 10.79 13.80 0.30
N SER C 10 11.80 14.61 -0.05
CA SER C 10 12.31 14.63 -1.42
C SER C 10 13.80 14.96 -1.40
N LEU C 11 14.60 14.10 -2.03
CA LEU C 11 16.04 14.31 -2.10
C LEU C 11 16.55 14.06 -3.52
N SER C 12 17.82 14.41 -3.76
CA SER C 12 18.43 14.40 -5.08
C SER C 12 19.91 14.04 -4.99
N ALA C 13 20.26 12.81 -5.40
CA ALA C 13 21.62 12.30 -5.31
C ALA C 13 22.14 11.86 -6.68
N SER C 14 23.39 11.39 -6.71
CA SER C 14 24.07 11.00 -7.93
C SER C 14 24.22 9.48 -7.98
N VAL C 15 24.52 8.98 -9.19
CA VAL C 15 24.84 7.57 -9.37
C VAL C 15 26.16 7.29 -8.64
N GLY C 16 26.07 6.44 -7.61
CA GLY C 16 27.24 6.05 -6.82
C GLY C 16 27.17 6.60 -5.41
N ASP C 17 26.25 7.54 -5.17
CA ASP C 17 26.19 8.26 -3.91
C ASP C 17 25.52 7.41 -2.83
N ARG C 18 25.67 7.86 -1.57
CA ARG C 18 25.14 7.19 -0.40
C ARG C 18 23.90 7.96 0.09
N VAL C 19 22.74 7.32 0.00
CA VAL C 19 21.46 7.94 0.33
C VAL C 19 21.05 7.51 1.73
N SER C 20 20.51 8.46 2.51
CA SER C 20 20.03 8.20 3.86
C SER C 20 18.64 8.80 4.05
N ILE C 21 17.71 7.94 4.46
CA ILE C 21 16.33 8.33 4.75
C ILE C 21 16.03 7.90 6.18
N THR C 22 15.51 8.84 6.98
CA THR C 22 15.14 8.54 8.36
C THR C 22 13.63 8.39 8.48
N CYS C 23 13.21 7.69 9.54
CA CYS C 23 11.81 7.50 9.87
C CYS C 23 11.65 7.54 11.39
N ARG C 24 10.92 8.56 11.89
CA ARG C 24 10.63 8.72 13.30
C ARG C 24 9.21 8.27 13.61
N ALA C 25 9.08 7.39 14.61
CA ALA C 25 7.79 6.92 15.10
C ALA C 25 7.42 7.68 16.37
N SER C 26 6.11 7.93 16.53
CA SER C 26 5.60 8.65 17.69
C SER C 26 5.87 7.86 18.97
N GLN C 27 5.60 6.55 18.93
CA GLN C 27 5.76 5.67 20.09
C GLN C 27 6.96 4.76 19.87
N ASN C 28 7.41 4.12 20.95
CA ASN C 28 8.40 3.06 20.84
C ASN C 28 7.73 1.84 20.21
N ILE C 29 8.25 1.44 19.04
CA ILE C 29 7.66 0.38 18.24
C ILE C 29 8.62 -0.81 18.20
N ILE C 30 9.55 -0.84 19.18
CA ILE C 30 10.67 -1.77 19.19
C ILE C 30 11.33 -1.74 17.82
N ASN C 31 11.41 -2.89 17.15
CA ASN C 31 12.13 -2.99 15.89
C ASN C 31 11.17 -3.36 14.76
N TYR C 32 9.89 -3.06 14.95
CA TYR C 32 8.83 -3.55 14.06
C TYR C 32 8.54 -2.49 13.00
N LEU C 33 9.51 -2.33 12.09
CA LEU C 33 9.49 -1.31 11.08
C LEU C 33 9.89 -1.96 9.75
N ASN C 34 9.23 -1.55 8.66
CA ASN C 34 9.50 -2.14 7.35
C ASN C 34 9.70 -1.04 6.31
N TRP C 35 10.64 -1.29 5.39
CA TRP C 35 10.94 -0.35 4.33
C TRP C 35 10.45 -0.89 2.99
N TYR C 36 9.72 -0.04 2.26
CA TYR C 36 9.18 -0.40 0.95
C TYR C 36 9.77 0.52 -0.12
N GLN C 37 10.08 -0.07 -1.28
CA GLN C 37 10.41 0.65 -2.50
C GLN C 37 9.23 0.53 -3.46
N GLN C 38 8.80 1.68 -4.00
CA GLN C 38 7.73 1.67 -4.99
C GLN C 38 8.14 2.56 -6.17
N LYS C 39 8.33 1.91 -7.33
CA LYS C 39 8.63 2.59 -8.57
C LYS C 39 7.33 3.03 -9.24
N PRO C 40 7.35 4.06 -10.11
CA PRO C 40 6.11 4.62 -10.67
C PRO C 40 5.20 3.57 -11.32
N GLY C 41 3.93 3.57 -10.88
CA GLY C 41 2.87 2.77 -11.48
C GLY C 41 2.99 1.28 -11.15
N LYS C 42 3.90 0.94 -10.22
CA LYS C 42 4.11 -0.45 -9.82
C LYS C 42 3.64 -0.63 -8.38
N ALA C 43 3.58 -1.89 -7.94
CA ALA C 43 3.22 -2.20 -6.56
C ALA C 43 4.45 -2.14 -5.67
N PRO C 44 4.33 -1.68 -4.40
CA PRO C 44 5.47 -1.61 -3.48
C PRO C 44 6.25 -2.91 -3.36
N LYS C 45 7.57 -2.77 -3.15
CA LYS C 45 8.47 -3.91 -2.99
C LYS C 45 9.13 -3.84 -1.61
N LEU C 46 8.98 -4.93 -0.85
CA LEU C 46 9.52 -5.01 0.49
C LEU C 46 11.04 -5.09 0.41
N LEU C 47 11.71 -4.00 0.79
CA LEU C 47 13.14 -4.00 0.92
C LEU C 47 13.53 -4.70 2.22
N ILE C 48 13.05 -4.13 3.33
CA ILE C 48 13.53 -4.48 4.66
C ILE C 48 12.33 -4.77 5.55
N ASN C 49 12.48 -5.78 6.42
CA ASN C 49 11.56 -6.03 7.52
C ASN C 49 12.37 -6.12 8.81
N ALA C 50 11.69 -5.88 9.95
CA ALA C 50 12.32 -5.83 11.25
C ALA C 50 13.46 -4.81 11.26
N ALA C 51 13.32 -3.80 10.40
CA ALA C 51 14.17 -2.60 10.33
C ALA C 51 15.61 -2.92 9.94
N SER C 52 15.91 -4.18 9.58
CA SER C 52 17.29 -4.57 9.35
C SER C 52 17.44 -5.83 8.50
N SER C 53 16.41 -6.68 8.46
CA SER C 53 16.48 -7.95 7.73
C SER C 53 16.26 -7.69 6.24
N LEU C 54 17.34 -7.80 5.46
CA LEU C 54 17.28 -7.56 4.02
C LEU C 54 16.41 -8.63 3.37
N GLN C 55 15.22 -8.21 2.94
CA GLN C 55 14.31 -9.09 2.22
C GLN C 55 15.06 -9.69 1.03
N SER C 56 15.00 -11.01 0.90
CA SER C 56 15.73 -11.75 -0.13
C SER C 56 15.20 -11.37 -1.50
N GLY C 57 16.11 -10.88 -2.37
CA GLY C 57 15.76 -10.41 -3.70
C GLY C 57 16.14 -8.94 -3.91
N VAL C 58 16.56 -8.28 -2.82
CA VAL C 58 16.98 -6.89 -2.84
C VAL C 58 18.51 -6.85 -2.83
N PRO C 59 19.15 -5.85 -3.49
CA PRO C 59 20.61 -5.69 -3.41
C PRO C 59 21.07 -5.36 -1.99
N SER C 60 22.31 -5.76 -1.67
CA SER C 60 22.91 -5.53 -0.36
C SER C 60 23.34 -4.07 -0.22
N ARG C 61 23.24 -3.30 -1.31
CA ARG C 61 23.42 -1.86 -1.31
C ARG C 61 22.47 -1.23 -0.30
N VAL C 62 21.24 -1.77 -0.26
CA VAL C 62 20.19 -1.33 0.65
C VAL C 62 20.45 -1.94 2.02
N SER C 63 20.29 -1.11 3.06
CA SER C 63 20.56 -1.50 4.43
C SER C 63 19.65 -0.71 5.36
N GLY C 64 19.35 -1.32 6.51
CA GLY C 64 18.43 -0.74 7.48
C GLY C 64 19.00 -0.80 8.90
N SER C 65 18.61 0.20 9.70
CA SER C 65 19.12 0.36 11.06
C SER C 65 18.13 1.17 11.89
N GLY C 66 18.33 1.14 13.22
CA GLY C 66 17.47 1.81 14.16
C GLY C 66 16.66 0.80 14.97
N SER C 67 16.06 1.28 16.07
CA SER C 67 15.22 0.49 16.95
C SER C 67 14.73 1.38 18.10
N GLY C 68 13.43 1.69 18.10
CA GLY C 68 12.83 2.52 19.13
C GLY C 68 11.87 3.53 18.53
N THR C 69 12.37 4.76 18.33
CA THR C 69 11.57 5.85 17.78
C THR C 69 12.22 6.39 16.52
N ASP C 70 13.41 5.90 16.19
CA ASP C 70 14.16 6.39 15.04
C ASP C 70 14.73 5.23 14.25
N PHE C 71 14.68 5.35 12.92
CA PHE C 71 15.15 4.32 12.02
C PHE C 71 15.81 4.98 10.81
N THR C 72 16.69 4.23 10.14
CA THR C 72 17.36 4.72 8.96
C THR C 72 17.35 3.65 7.87
N LEU C 73 17.06 4.10 6.65
CA LEU C 73 17.33 3.36 5.43
C LEU C 73 18.55 4.00 4.77
N THR C 74 19.50 3.15 4.37
CA THR C 74 20.67 3.61 3.65
C THR C 74 20.76 2.86 2.32
N ILE C 75 21.04 3.62 1.25
CA ILE C 75 21.44 3.03 -0.02
C ILE C 75 22.89 3.43 -0.24
N SER C 76 23.79 2.44 -0.17
CA SER C 76 25.21 2.70 -0.01
C SER C 76 25.92 2.92 -1.35
N SER C 77 25.22 2.65 -2.46
CA SER C 77 25.75 2.89 -3.79
C SER C 77 24.62 3.03 -4.81
N LEU C 78 24.03 4.23 -4.87
CA LEU C 78 22.82 4.51 -5.62
C LEU C 78 23.04 4.26 -7.12
N GLN C 79 21.97 3.84 -7.80
CA GLN C 79 22.01 3.50 -9.22
C GLN C 79 20.83 4.14 -9.94
N SER C 80 20.95 4.25 -11.27
CA SER C 80 19.93 4.82 -12.14
C SER C 80 18.56 4.26 -11.82
N GLU C 81 18.53 2.99 -11.39
CA GLU C 81 17.32 2.20 -11.27
C GLU C 81 16.81 2.18 -9.83
N ASP C 82 17.13 3.22 -9.06
CA ASP C 82 16.62 3.34 -7.71
C ASP C 82 15.66 4.52 -7.63
N PHE C 83 15.38 5.11 -8.80
CA PHE C 83 14.35 6.12 -8.89
C PHE C 83 13.05 5.50 -8.38
N ALA C 84 12.64 5.92 -7.17
CA ALA C 84 11.45 5.41 -6.52
C ALA C 84 11.03 6.33 -5.37
N THR C 85 9.84 6.04 -4.83
CA THR C 85 9.44 6.56 -3.54
C THR C 85 9.58 5.42 -2.53
N TYR C 86 10.09 5.77 -1.33
CA TYR C 86 10.36 4.79 -0.29
C TYR C 86 9.48 5.10 0.92
N TYR C 87 8.92 4.04 1.51
CA TYR C 87 7.97 4.16 2.60
C TYR C 87 8.46 3.35 3.79
N CYS C 88 8.38 3.96 4.98
CA CYS C 88 8.56 3.25 6.24
C CYS C 88 7.19 2.91 6.80
N GLN C 89 7.06 1.69 7.35
CA GLN C 89 5.78 1.16 7.76
C GLN C 89 5.86 0.55 9.15
N GLN C 90 4.95 1.00 10.01
CA GLN C 90 4.67 0.47 11.33
C GLN C 90 4.32 -1.01 11.26
N SER C 91 4.53 -1.73 12.38
CA SER C 91 4.05 -3.09 12.48
C SER C 91 3.76 -3.50 13.93
N HIS C 92 4.02 -2.62 14.89
CA HIS C 92 3.88 -2.95 16.31
C HIS C 92 2.41 -3.06 16.71
N SER C 93 1.56 -2.20 16.12
CA SER C 93 0.19 -2.08 16.58
C SER C 93 -0.73 -1.63 15.46
N THR C 94 -1.88 -2.32 15.32
CA THR C 94 -2.95 -1.93 14.42
C THR C 94 -3.44 -0.54 14.80
N PRO C 95 -3.65 0.37 13.83
CA PRO C 95 -3.44 0.05 12.42
C PRO C 95 -1.96 0.18 12.07
N PRO C 96 -1.43 -0.71 11.20
CA PRO C 96 -0.13 -0.50 10.60
C PRO C 96 -0.19 0.83 9.85
N THR C 97 0.49 1.82 10.40
CA THR C 97 0.61 3.14 9.80
C THR C 97 1.82 3.17 8.85
N PHE C 98 1.73 4.03 7.83
CA PHE C 98 2.82 4.23 6.89
C PHE C 98 3.39 5.63 7.08
N GLY C 99 4.54 5.87 6.45
CA GLY C 99 5.12 7.19 6.33
C GLY C 99 4.60 7.88 5.08
N GLN C 100 4.71 9.21 5.05
CA GLN C 100 4.21 10.00 3.94
C GLN C 100 4.97 9.66 2.66
N GLY C 101 6.25 9.28 2.80
CA GLY C 101 7.08 8.83 1.69
C GLY C 101 8.29 9.73 1.48
N THR C 102 9.38 9.15 0.95
CA THR C 102 10.56 9.90 0.55
C THR C 102 10.80 9.68 -0.95
N LYS C 103 10.87 10.79 -1.70
CA LYS C 103 11.02 10.75 -3.14
C LYS C 103 12.49 10.89 -3.53
N VAL C 104 13.12 9.76 -3.86
CA VAL C 104 14.50 9.72 -4.28
C VAL C 104 14.56 9.89 -5.80
N GLU C 105 15.05 11.06 -6.24
CA GLU C 105 15.19 11.38 -7.65
C GLU C 105 16.66 11.29 -8.03
N ILE C 106 16.96 10.63 -9.15
CA ILE C 106 18.34 10.42 -9.59
C ILE C 106 18.82 11.67 -10.31
N LYS C 107 20.00 12.18 -9.92
CA LYS C 107 20.55 13.40 -10.48
C LYS C 107 21.70 13.07 -11.42
N ARG C 108 21.78 13.81 -12.53
CA ARG C 108 22.61 13.47 -13.68
C ARG C 108 23.01 14.74 -14.44
N THR C 109 23.75 14.57 -15.54
CA THR C 109 24.21 15.67 -16.37
C THR C 109 23.01 16.41 -16.92
N VAL C 110 23.15 17.74 -17.06
CA VAL C 110 22.12 18.57 -17.68
C VAL C 110 21.98 18.14 -19.14
N ALA C 111 20.74 18.01 -19.61
CA ALA C 111 20.48 17.55 -20.96
C ALA C 111 19.44 18.44 -21.63
N ALA C 112 19.68 18.73 -22.92
CA ALA C 112 18.81 19.59 -23.71
C ALA C 112 17.65 18.78 -24.27
N PRO C 113 16.41 19.33 -24.28
CA PRO C 113 15.26 18.63 -24.85
C PRO C 113 15.25 18.53 -26.37
N SER C 114 14.88 17.35 -26.88
CA SER C 114 14.48 17.20 -28.27
C SER C 114 13.03 17.67 -28.40
N VAL C 115 12.84 18.77 -29.16
CA VAL C 115 11.53 19.40 -29.28
C VAL C 115 10.88 18.94 -30.58
N PHE C 116 9.72 18.29 -30.45
CA PHE C 116 8.91 17.88 -31.58
C PHE C 116 7.54 18.54 -31.47
N ILE C 117 6.99 18.93 -32.63
CA ILE C 117 5.64 19.47 -32.71
C ILE C 117 4.79 18.53 -33.57
N PHE C 118 3.51 18.42 -33.19
CA PHE C 118 2.56 17.58 -33.91
C PHE C 118 1.34 18.39 -34.29
N PRO C 119 0.99 18.47 -35.60
CA PRO C 119 -0.27 19.10 -36.03
C PRO C 119 -1.46 18.30 -35.55
N PRO C 120 -2.68 18.89 -35.50
CA PRO C 120 -3.88 18.12 -35.19
C PRO C 120 -4.28 17.27 -36.40
N SER C 121 -4.56 15.99 -36.16
CA SER C 121 -4.84 15.02 -37.21
C SER C 121 -6.13 15.40 -37.95
N ASP C 122 -6.22 14.95 -39.20
CA ASP C 122 -7.39 15.17 -40.04
C ASP C 122 -8.59 14.40 -39.50
N GLU C 123 -8.31 13.43 -38.62
CA GLU C 123 -9.34 12.67 -37.93
C GLU C 123 -10.09 13.61 -36.98
N GLN C 124 -9.34 14.26 -36.09
CA GLN C 124 -9.90 15.02 -34.99
C GLN C 124 -10.51 16.32 -35.50
N LEU C 125 -9.93 16.87 -36.58
CA LEU C 125 -10.39 18.12 -37.15
C LEU C 125 -11.87 18.02 -37.54
N LYS C 126 -12.30 16.82 -37.95
CA LYS C 126 -13.68 16.57 -38.34
C LYS C 126 -14.60 16.50 -37.12
N SER C 127 -14.02 16.20 -35.96
CA SER C 127 -14.76 16.12 -34.71
C SER C 127 -15.11 17.51 -34.20
N GLY C 128 -14.29 18.51 -34.57
CA GLY C 128 -14.56 19.89 -34.26
C GLY C 128 -13.52 20.50 -33.32
N THR C 129 -12.51 19.70 -32.95
CA THR C 129 -11.47 20.13 -32.03
C THR C 129 -10.09 19.80 -32.62
N ALA C 130 -9.11 20.64 -32.27
CA ALA C 130 -7.72 20.45 -32.68
C ALA C 130 -6.85 20.30 -31.43
N SER C 131 -5.94 19.32 -31.47
CA SER C 131 -4.98 19.08 -30.40
C SER C 131 -3.55 19.07 -30.95
N VAL C 132 -2.89 20.22 -30.81
CA VAL C 132 -1.48 20.36 -31.19
C VAL C 132 -0.64 19.96 -29.99
N VAL C 133 0.37 19.14 -30.24
CA VAL C 133 1.23 18.58 -29.20
C VAL C 133 2.64 19.13 -29.37
N CYS C 134 3.22 19.63 -28.27
CA CYS C 134 4.63 19.98 -28.20
C CYS C 134 5.33 19.07 -27.20
N LEU C 135 6.25 18.23 -27.72
CA LEU C 135 6.95 17.25 -26.92
C LEU C 135 8.39 17.72 -26.65
N LEU C 136 8.82 17.56 -25.39
CA LEU C 136 10.20 17.78 -25.00
C LEU C 136 10.76 16.46 -24.49
N ASN C 137 11.57 15.80 -25.32
CA ASN C 137 11.98 14.43 -25.06
C ASN C 137 13.40 14.38 -24.50
N ASN C 138 13.58 13.61 -23.41
CA ASN C 138 14.86 13.30 -22.81
C ASN C 138 15.64 14.57 -22.48
N PHE C 139 15.21 15.25 -21.40
CA PHE C 139 15.90 16.44 -20.91
C PHE C 139 16.12 16.29 -19.41
N TYR C 140 16.76 17.30 -18.81
CA TYR C 140 17.04 17.31 -17.39
C TYR C 140 17.63 18.66 -16.98
N PRO C 141 17.13 19.33 -15.90
CA PRO C 141 16.09 18.77 -15.02
C PRO C 141 14.66 19.11 -15.44
N ARG C 142 13.69 18.82 -14.54
CA ARG C 142 12.27 18.89 -14.85
C ARG C 142 11.83 20.34 -15.03
N GLU C 143 12.70 21.28 -14.62
CA GLU C 143 12.48 22.68 -14.94
C GLU C 143 12.49 22.85 -16.46
N ALA C 144 11.36 23.30 -17.00
CA ALA C 144 11.25 23.74 -18.38
C ALA C 144 10.14 24.80 -18.48
N LYS C 145 10.18 25.58 -19.57
CA LYS C 145 9.12 26.52 -19.89
C LYS C 145 8.71 26.32 -21.34
N VAL C 146 7.39 26.21 -21.58
CA VAL C 146 6.85 26.02 -22.91
C VAL C 146 5.80 27.09 -23.16
N GLN C 147 6.03 27.93 -24.19
CA GLN C 147 5.07 28.92 -24.63
C GLN C 147 4.60 28.59 -26.05
N TRP C 148 3.36 29.00 -26.35
CA TRP C 148 2.76 28.74 -27.64
C TRP C 148 2.60 30.02 -28.44
N LYS C 149 2.82 29.90 -29.77
CA LYS C 149 2.72 31.01 -30.70
C LYS C 149 1.84 30.60 -31.87
N VAL C 150 0.67 31.24 -31.99
CA VAL C 150 -0.26 31.01 -33.10
C VAL C 150 -0.27 32.27 -33.97
N ASP C 151 0.45 32.19 -35.10
CA ASP C 151 0.76 33.36 -35.92
C ASP C 151 1.46 34.41 -35.05
N ASN C 152 2.40 33.94 -34.22
CA ASN C 152 3.26 34.77 -33.40
C ASN C 152 2.50 35.34 -32.21
N ALA C 153 1.16 35.36 -32.28
CA ALA C 153 0.31 35.83 -31.20
C ALA C 153 0.33 34.82 -30.05
N LEU C 154 0.76 35.28 -28.86
CA LEU C 154 1.05 34.44 -27.72
C LEU C 154 -0.24 33.88 -27.11
N GLN C 155 -0.14 32.68 -26.54
CA GLN C 155 -1.28 31.95 -26.00
C GLN C 155 -1.17 31.81 -24.48
N SER C 156 -2.30 31.95 -23.78
CA SER C 156 -2.37 31.84 -22.34
C SER C 156 -3.67 31.14 -21.92
N GLY C 157 -3.53 30.00 -21.25
CA GLY C 157 -4.64 29.33 -20.59
C GLY C 157 -5.12 28.09 -21.32
N ASN C 158 -4.85 28.01 -22.64
CA ASN C 158 -5.38 26.97 -23.51
C ASN C 158 -4.40 25.80 -23.61
N SER C 159 -3.32 25.85 -22.82
CA SER C 159 -2.32 24.79 -22.77
C SER C 159 -2.32 24.14 -21.39
N GLN C 160 -2.09 22.83 -21.39
CA GLN C 160 -1.92 22.09 -20.14
C GLN C 160 -0.86 21.01 -20.35
N GLU C 161 -0.19 20.63 -19.26
CA GLU C 161 1.04 19.87 -19.33
C GLU C 161 0.95 18.58 -18.53
N SER C 162 1.90 17.66 -18.83
CA SER C 162 2.06 16.41 -18.13
C SER C 162 3.49 15.92 -18.37
N VAL C 163 4.14 15.43 -17.31
CA VAL C 163 5.53 15.03 -17.37
C VAL C 163 5.65 13.57 -16.95
N THR C 164 6.48 12.80 -17.67
CA THR C 164 6.80 11.44 -17.26
C THR C 164 7.69 11.52 -16.02
N GLU C 165 7.64 10.48 -15.19
CA GLU C 165 8.59 10.36 -14.09
C GLU C 165 9.93 9.93 -14.68
N GLN C 166 11.01 10.22 -13.94
CA GLN C 166 12.36 9.95 -14.38
C GLN C 166 12.49 8.52 -14.90
N ASP C 167 13.29 8.36 -15.95
CA ASP C 167 13.54 7.06 -16.57
C ASP C 167 14.44 6.23 -15.66
N SER C 168 14.35 4.91 -15.80
CA SER C 168 15.10 3.97 -14.97
C SER C 168 16.52 3.84 -15.49
N LYS C 169 16.71 4.17 -16.77
CA LYS C 169 17.96 3.88 -17.45
C LYS C 169 18.87 5.11 -17.42
N ASP C 170 18.37 6.24 -17.94
CA ASP C 170 19.18 7.43 -18.09
C ASP C 170 18.74 8.52 -17.10
N SER C 171 17.52 8.38 -16.57
CA SER C 171 16.96 9.27 -15.56
C SER C 171 16.69 10.66 -16.12
N THR C 172 16.28 10.73 -17.40
CA THR C 172 15.83 11.96 -18.03
C THR C 172 14.33 12.13 -17.78
N TYR C 173 13.84 13.34 -18.06
CA TYR C 173 12.42 13.64 -18.04
C TYR C 173 11.91 13.80 -19.47
N SER C 174 10.59 13.74 -19.61
CA SER C 174 9.89 13.99 -20.88
C SER C 174 8.62 14.77 -20.60
N LEU C 175 8.42 15.88 -21.33
CA LEU C 175 7.34 16.81 -21.04
C LEU C 175 6.42 16.94 -22.25
N SER C 176 5.12 17.13 -21.97
CA SER C 176 4.08 17.27 -22.98
C SER C 176 3.20 18.47 -22.69
N SER C 177 3.16 19.42 -23.65
CA SER C 177 2.30 20.59 -23.59
C SER C 177 1.28 20.54 -24.70
N THR C 178 0.00 20.36 -24.33
CA THR C 178 -1.08 20.24 -25.28
C THR C 178 -1.79 21.58 -25.46
N LEU C 179 -1.76 22.08 -26.70
CA LEU C 179 -2.56 23.24 -27.10
C LEU C 179 -3.83 22.75 -27.79
N THR C 180 -4.97 23.00 -27.15
CA THR C 180 -6.26 22.63 -27.70
C THR C 180 -6.95 23.88 -28.24
N LEU C 181 -7.60 23.72 -29.39
CA LEU C 181 -8.39 24.78 -30.03
C LEU C 181 -9.66 24.16 -30.63
N SER C 182 -10.64 25.01 -30.91
CA SER C 182 -11.80 24.63 -31.71
C SER C 182 -11.44 24.73 -33.19
N LYS C 183 -12.30 24.16 -34.05
CA LYS C 183 -12.03 24.03 -35.47
C LYS C 183 -12.03 25.42 -36.13
N ALA C 184 -12.92 26.30 -35.65
CA ALA C 184 -13.09 27.64 -36.21
C ALA C 184 -11.91 28.55 -35.86
N ASP C 185 -11.33 28.32 -34.67
CA ASP C 185 -10.18 29.08 -34.19
C ASP C 185 -8.89 28.53 -34.76
N TYR C 186 -8.92 27.25 -35.17
CA TYR C 186 -7.77 26.59 -35.77
C TYR C 186 -7.62 27.03 -37.22
N GLU C 187 -8.77 27.13 -37.92
CA GLU C 187 -8.81 27.51 -39.33
C GLU C 187 -8.60 29.02 -39.49
N LYS C 188 -8.54 29.74 -38.37
CA LYS C 188 -8.38 31.19 -38.37
C LYS C 188 -6.90 31.55 -38.55
N HIS C 189 -6.01 30.62 -38.18
CA HIS C 189 -4.56 30.86 -38.19
C HIS C 189 -3.86 29.76 -38.99
N LYS C 190 -2.59 30.04 -39.35
CA LYS C 190 -1.83 29.19 -40.25
C LYS C 190 -0.61 28.61 -39.54
N VAL C 191 0.34 29.48 -39.16
CA VAL C 191 1.61 29.06 -38.59
C VAL C 191 1.43 28.80 -37.09
N TYR C 192 1.68 27.55 -36.68
CA TYR C 192 1.60 27.14 -35.29
C TYR C 192 3.00 26.75 -34.81
N ALA C 193 3.46 27.43 -33.76
CA ALA C 193 4.79 27.23 -33.20
C ALA C 193 4.71 27.04 -31.70
N CYS C 194 5.66 26.27 -31.16
CA CYS C 194 5.88 26.18 -29.73
C CYS C 194 7.35 26.51 -29.44
N GLU C 195 7.57 27.36 -28.44
CA GLU C 195 8.91 27.78 -28.05
C GLU C 195 9.25 27.18 -26.67
N VAL C 196 10.52 26.78 -26.50
CA VAL C 196 10.96 26.02 -25.34
C VAL C 196 12.19 26.68 -24.71
N THR C 197 12.11 26.94 -23.40
CA THR C 197 13.22 27.42 -22.59
C THR C 197 13.64 26.29 -21.64
N HIS C 198 14.95 26.10 -21.49
CA HIS C 198 15.50 25.07 -20.62
C HIS C 198 16.92 25.45 -20.19
N GLN C 199 17.35 24.89 -19.04
CA GLN C 199 18.63 25.17 -18.42
C GLN C 199 19.77 24.71 -19.34
N GLY C 200 19.51 23.70 -20.16
CA GLY C 200 20.51 23.10 -21.03
C GLY C 200 20.60 23.80 -22.38
N LEU C 201 19.67 24.71 -22.66
CA LEU C 201 19.59 25.40 -23.93
C LEU C 201 20.37 26.71 -23.87
N SER C 202 21.25 26.91 -24.87
CA SER C 202 21.94 28.17 -25.09
C SER C 202 20.91 29.27 -25.33
N SER C 203 20.02 29.02 -26.28
CA SER C 203 18.91 29.91 -26.62
C SER C 203 17.61 29.11 -26.66
N PRO C 204 16.43 29.75 -26.52
CA PRO C 204 15.15 29.04 -26.65
C PRO C 204 14.88 28.49 -28.06
N VAL C 205 14.46 27.21 -28.12
CA VAL C 205 14.23 26.51 -29.38
C VAL C 205 12.74 26.55 -29.71
N THR C 206 12.41 26.81 -30.99
CA THR C 206 11.04 26.86 -31.49
C THR C 206 10.87 25.84 -32.61
N LYS C 207 9.66 25.27 -32.72
CA LYS C 207 9.28 24.35 -33.78
C LYS C 207 7.87 24.71 -34.28
N SER C 208 7.67 24.63 -35.60
CA SER C 208 6.45 25.17 -36.21
C SER C 208 5.97 24.33 -37.40
N PHE C 209 4.73 24.63 -37.84
CA PHE C 209 4.11 24.02 -39.02
C PHE C 209 2.97 24.91 -39.51
N ASN C 210 2.66 24.81 -40.81
CA ASN C 210 1.57 25.56 -41.43
C ASN C 210 0.34 24.66 -41.57
N ARG C 211 -0.82 25.19 -41.17
CA ARG C 211 -2.08 24.46 -41.22
C ARG C 211 -2.36 23.99 -42.65
N GLY C 212 -2.21 22.68 -42.87
CA GLY C 212 -2.57 22.05 -44.13
C GLY C 212 -1.34 21.56 -44.89
#